data_8V8Q
#
_entry.id   8V8Q
#
_cell.length_a   69.858
_cell.length_b   153.872
_cell.length_c   87.572
_cell.angle_alpha   90.00
_cell.angle_beta   90.00
_cell.angle_gamma   90.00
#
_symmetry.space_group_name_H-M   'C 2 2 21'
#
loop_
_entity.id
_entity.type
_entity.pdbx_description
1 polymer 'HLA class I histocompatibility antigen, B alpha chain'
2 polymer Beta-2-microglobulin
3 polymer Nucleoprotein
4 non-polymer 'BICARBONATE ION'
5 non-polymer DI(HYDROXYETHYL)ETHER
6 non-polymer 'CHLORIDE ION'
7 water water
#
loop_
_entity_poly.entity_id
_entity_poly.type
_entity_poly.pdbx_seq_one_letter_code
_entity_poly.pdbx_strand_id
1 'polypeptide(L)'
;MGSHSMRYFYTSVSRPGRGEPRFISVGYVDDTQFVRFDSDAASPREEPRAPWIEQEGPEYWDRNTQIYKAQAQTDRESLR
NLRGYYNQSEAGSHTLQSMYGCDVGPDGRLLRGHDQYAYDGKDYIALNEDLRSWTAADTAAQITQRKWEAAREAEQRRAY
LEGECVEWLRRYLENGKDKLERADPPKTHVTHHPISDHEATLRCWALGFYPAEITLTWQRDGEDQTQDTELVETRPAGDR
TFQKWAAVVVPSGEEQRYTCHVQHEGLPKPLTLRWE
;
A
2 'polypeptide(L)'
;MIQRTPKIQVYSRHPAENGKSNFLNCYVSGFHPSDIEVDLLKNGERIEKVEHSDLSFSKDWSFYLLYYTEFTPTEKDEYA
CRVNHVTLSQPKIVKWDRDM
;
B
3 'polypeptide(L)' SPRWYFYYT C
#
# COMPACT_ATOMS: atom_id res chain seq x y z
N GLY A 2 -16.17 4.35 14.88
CA GLY A 2 -14.76 3.86 14.80
C GLY A 2 -13.81 4.99 14.45
N SER A 3 -12.50 4.69 14.32
CA SER A 3 -11.45 5.65 13.87
CA SER A 3 -11.49 5.67 13.86
C SER A 3 -11.24 5.47 12.36
N HIS A 4 -11.09 6.57 11.61
CA HIS A 4 -11.05 6.50 10.12
C HIS A 4 -10.08 7.54 9.55
N SER A 5 -9.73 7.37 8.27
CA SER A 5 -8.81 8.25 7.54
C SER A 5 -9.28 8.38 6.10
N MET A 6 -9.00 9.53 5.52
CA MET A 6 -9.00 9.72 4.07
C MET A 6 -7.57 10.12 3.69
N ARG A 7 -7.02 9.46 2.68
CA ARG A 7 -5.65 9.76 2.18
C ARG A 7 -5.65 9.70 0.67
N TYR A 8 -4.91 10.63 0.09
CA TYR A 8 -4.57 10.65 -1.34
C TYR A 8 -3.06 10.44 -1.47
N PHE A 9 -2.72 9.59 -2.43
CA PHE A 9 -1.34 9.17 -2.78
C PHE A 9 -1.09 9.58 -4.23
N TYR A 10 -0.27 10.58 -4.42
CA TYR A 10 0.07 11.08 -5.76
C TYR A 10 1.48 10.63 -6.11
N THR A 11 1.62 10.21 -7.37
CA THR A 11 2.93 9.84 -7.96
C THR A 11 3.09 10.59 -9.28
N SER A 12 4.08 11.48 -9.35
CA SER A 12 4.41 12.14 -10.62
C SER A 12 5.77 11.63 -11.09
N VAL A 13 5.90 11.30 -12.37
CA VAL A 13 7.16 10.73 -12.92
C VAL A 13 7.50 11.53 -14.17
N SER A 14 8.59 12.29 -14.16
CA SER A 14 9.07 12.97 -15.39
C SER A 14 9.55 11.91 -16.39
N ARG A 15 9.24 12.13 -17.65
CA ARG A 15 9.62 11.21 -18.74
C ARG A 15 10.32 12.12 -19.75
N PRO A 16 11.63 12.42 -19.55
CA PRO A 16 12.29 13.45 -20.36
C PRO A 16 12.27 12.98 -21.82
N GLY A 17 11.80 13.87 -22.70
CA GLY A 17 11.60 13.63 -24.15
C GLY A 17 10.31 12.91 -24.45
N ARG A 18 9.30 12.98 -23.57
CA ARG A 18 7.97 12.32 -23.77
C ARG A 18 6.82 13.23 -23.30
N GLY A 19 7.05 14.54 -23.23
CA GLY A 19 6.03 15.52 -22.81
C GLY A 19 5.86 15.61 -21.30
N GLU A 20 4.64 15.85 -20.83
CA GLU A 20 4.34 16.19 -19.42
C GLU A 20 4.67 14.96 -18.56
N PRO A 21 5.10 15.16 -17.30
CA PRO A 21 5.24 14.01 -16.40
C PRO A 21 3.91 13.25 -16.34
N ARG A 22 4.01 11.94 -16.10
CA ARG A 22 2.81 11.12 -15.81
C ARG A 22 2.38 11.44 -14.38
N PHE A 23 1.10 11.75 -14.22
CA PHE A 23 0.49 11.97 -12.89
C PHE A 23 -0.52 10.85 -12.61
N ILE A 24 -0.34 10.16 -11.50
CA ILE A 24 -1.30 9.15 -10.97
C ILE A 24 -1.73 9.58 -9.60
N SER A 25 -3.02 9.46 -9.31
CA SER A 25 -3.59 9.61 -7.96
C SER A 25 -4.42 8.39 -7.63
N VAL A 26 -4.29 7.92 -6.39
CA VAL A 26 -5.25 6.96 -5.80
C VAL A 26 -5.73 7.56 -4.48
N GLY A 27 -7.01 7.38 -4.17
CA GLY A 27 -7.66 7.89 -2.96
C GLY A 27 -8.17 6.73 -2.15
N TYR A 28 -8.01 6.79 -0.83
CA TYR A 28 -8.41 5.72 0.11
C TYR A 28 -9.27 6.30 1.22
N VAL A 29 -10.27 5.54 1.67
CA VAL A 29 -10.79 5.65 3.05
C VAL A 29 -10.30 4.40 3.80
N ASP A 30 -9.55 4.61 4.87
CA ASP A 30 -8.85 3.52 5.60
C ASP A 30 -8.07 2.69 4.57
N ASP A 31 -8.30 1.38 4.47
CA ASP A 31 -7.52 0.51 3.54
C ASP A 31 -8.38 0.21 2.31
N THR A 32 -9.41 1.02 2.07
CA THR A 32 -10.31 0.85 0.91
C THR A 32 -10.01 1.91 -0.15
N GLN A 33 -9.43 1.52 -1.28
CA GLN A 33 -9.24 2.41 -2.46
C GLN A 33 -10.61 2.74 -3.04
N PHE A 34 -10.92 4.02 -3.29
CA PHE A 34 -12.25 4.37 -3.85
C PHE A 34 -12.14 5.14 -5.17
N VAL A 35 -11.00 5.75 -5.49
CA VAL A 35 -10.85 6.51 -6.76
C VAL A 35 -9.43 6.34 -7.33
N ARG A 36 -9.34 6.56 -8.63
CA ARG A 36 -8.03 6.70 -9.29
C ARG A 36 -8.14 7.81 -10.34
N PHE A 37 -6.98 8.33 -10.70
CA PHE A 37 -6.82 9.25 -11.85
C PHE A 37 -5.46 8.95 -12.46
N ASP A 38 -5.37 8.90 -13.77
CA ASP A 38 -4.09 8.60 -14.47
C ASP A 38 -4.04 9.50 -15.71
N SER A 39 -3.11 10.44 -15.73
CA SER A 39 -2.85 11.40 -16.84
C SER A 39 -2.59 10.67 -18.18
N ASP A 40 -2.23 9.38 -18.18
CA ASP A 40 -1.97 8.50 -19.36
C ASP A 40 -3.20 7.69 -19.82
N ALA A 41 -4.27 7.70 -19.07
CA ALA A 41 -5.44 6.88 -19.43
C ALA A 41 -6.23 7.51 -20.57
N ALA A 42 -7.12 6.72 -21.15
CA ALA A 42 -7.98 7.24 -22.23
C ALA A 42 -8.99 8.20 -21.59
N SER A 43 -8.99 9.41 -22.18
CA SER A 43 -9.80 10.55 -21.75
C SER A 43 -9.63 10.68 -20.23
N PRO A 44 -8.46 11.12 -19.72
CA PRO A 44 -8.21 11.11 -18.28
C PRO A 44 -9.32 11.79 -17.49
N ARG A 45 -9.86 10.99 -16.58
CA ARG A 45 -10.97 11.38 -15.72
C ARG A 45 -10.83 10.61 -14.40
N GLU A 46 -11.33 11.16 -13.31
CA GLU A 46 -11.34 10.38 -12.06
C GLU A 46 -12.32 9.22 -12.28
N GLU A 47 -11.98 8.05 -11.76
CA GLU A 47 -12.81 6.83 -11.93
C GLU A 47 -13.03 6.19 -10.58
N PRO A 48 -14.22 5.57 -10.41
CA PRO A 48 -14.55 4.89 -9.15
C PRO A 48 -13.83 3.54 -9.05
N ARG A 49 -13.44 3.17 -7.84
CA ARG A 49 -12.76 1.89 -7.58
C ARG A 49 -13.34 1.18 -6.37
N ALA A 50 -14.42 1.76 -5.81
CA ALA A 50 -15.23 1.12 -4.74
C ALA A 50 -16.71 1.30 -5.06
N PRO A 51 -17.57 0.33 -4.68
CA PRO A 51 -18.97 0.39 -5.09
C PRO A 51 -19.73 1.62 -4.55
N TRP A 52 -19.42 2.09 -3.33
CA TRP A 52 -20.24 3.11 -2.63
C TRP A 52 -19.95 4.54 -3.15
N ILE A 53 -18.94 4.71 -4.00
CA ILE A 53 -18.66 6.06 -4.57
C ILE A 53 -19.37 6.18 -5.93
N GLU A 54 -19.82 5.09 -6.51
CA GLU A 54 -20.47 5.08 -7.86
C GLU A 54 -21.75 5.92 -7.83
N GLN A 55 -22.32 6.17 -6.64
CA GLN A 55 -23.56 6.97 -6.46
C GLN A 55 -23.30 8.46 -6.66
N GLU A 56 -22.04 8.89 -6.73
CA GLU A 56 -21.69 10.32 -6.95
C GLU A 56 -22.06 10.66 -8.40
N GLY A 57 -22.70 11.83 -8.59
CA GLY A 57 -23.13 12.28 -9.92
C GLY A 57 -21.95 12.70 -10.77
N PRO A 58 -22.16 12.98 -12.08
CA PRO A 58 -21.09 13.41 -12.97
C PRO A 58 -20.43 14.73 -12.54
N GLU A 59 -21.13 15.62 -11.83
CA GLU A 59 -20.51 16.87 -11.30
C GLU A 59 -19.32 16.53 -10.37
N TYR A 60 -19.39 15.43 -9.61
CA TYR A 60 -18.29 14.93 -8.74
C TYR A 60 -17.05 14.60 -9.58
N TRP A 61 -17.21 13.68 -10.54
CA TRP A 61 -16.12 13.15 -11.40
C TRP A 61 -15.52 14.31 -12.22
N ASP A 62 -16.36 15.22 -12.75
CA ASP A 62 -15.87 16.36 -13.57
C ASP A 62 -15.08 17.33 -12.68
N ARG A 63 -15.59 17.65 -11.50
CA ARG A 63 -14.88 18.57 -10.57
C ARG A 63 -13.50 17.98 -10.20
N ASN A 64 -13.47 16.71 -9.78
CA ASN A 64 -12.23 16.07 -9.27
C ASN A 64 -11.25 15.96 -10.43
N THR A 65 -11.76 15.70 -11.64
CA THR A 65 -10.91 15.68 -12.85
C THR A 65 -10.19 17.01 -13.02
N GLN A 66 -10.90 18.13 -12.89
CA GLN A 66 -10.28 19.46 -13.08
C GLN A 66 -9.19 19.67 -12.03
N ILE A 67 -9.44 19.26 -10.79
CA ILE A 67 -8.47 19.43 -9.68
C ILE A 67 -7.23 18.60 -10.02
N TYR A 68 -7.39 17.34 -10.46
CA TYR A 68 -6.24 16.46 -10.72
C TYR A 68 -5.40 17.05 -11.86
N LYS A 69 -6.04 17.60 -12.88
CA LYS A 69 -5.29 18.20 -14.00
C LYS A 69 -4.41 19.37 -13.53
N ALA A 70 -4.94 20.17 -12.62
CA ALA A 70 -4.20 21.32 -12.06
C ALA A 70 -3.13 20.77 -11.12
N GLN A 71 -3.41 19.68 -10.39
CA GLN A 71 -2.35 19.07 -9.53
C GLN A 71 -1.17 18.58 -10.37
N ALA A 72 -1.45 17.99 -11.52
CA ALA A 72 -0.39 17.42 -12.38
C ALA A 72 0.56 18.56 -12.78
N GLN A 73 0.01 19.70 -13.19
CA GLN A 73 0.84 20.87 -13.60
C GLN A 73 1.67 21.38 -12.43
N THR A 74 1.05 21.47 -11.25
CA THR A 74 1.74 21.87 -10.01
C THR A 74 2.95 20.94 -9.79
N ASP A 75 2.73 19.63 -9.84
CA ASP A 75 3.77 18.61 -9.58
C ASP A 75 4.87 18.74 -10.65
N ARG A 76 4.49 19.05 -11.88
CA ARG A 76 5.47 19.28 -12.95
C ARG A 76 6.42 20.40 -12.50
N GLU A 77 5.87 21.50 -11.98
CA GLU A 77 6.70 22.64 -11.50
C GLU A 77 7.51 22.25 -10.26
N SER A 78 6.92 21.50 -9.33
CA SER A 78 7.70 20.96 -8.20
C SER A 78 8.88 20.17 -8.72
N LEU A 79 8.66 19.30 -9.70
CA LEU A 79 9.77 18.45 -10.22
C LEU A 79 10.85 19.35 -10.86
N ARG A 80 10.46 20.42 -11.54
CA ARG A 80 11.41 21.33 -12.22
C ARG A 80 12.27 22.01 -11.12
N ASN A 81 11.64 22.52 -10.05
CA ASN A 81 12.33 23.17 -8.91
C ASN A 81 13.31 22.18 -8.22
N LEU A 82 12.89 20.94 -7.98
CA LEU A 82 13.72 19.92 -7.29
C LEU A 82 14.97 19.62 -8.13
N ARG A 83 14.81 19.46 -9.45
CA ARG A 83 15.95 19.27 -10.39
C ARG A 83 17.00 20.35 -10.09
N GLY A 84 16.58 21.62 -9.96
CA GLY A 84 17.50 22.75 -9.68
C GLY A 84 18.15 22.61 -8.33
N TYR A 85 17.38 22.28 -7.29
CA TYR A 85 17.91 22.19 -5.91
C TYR A 85 19.02 21.13 -5.87
N TYR A 86 18.82 20.04 -6.62
CA TYR A 86 19.69 18.84 -6.57
C TYR A 86 20.76 18.88 -7.66
N ASN A 87 20.82 19.96 -8.44
CA ASN A 87 21.84 20.19 -9.50
C ASN A 87 21.72 19.04 -10.50
N GLN A 88 20.53 18.49 -10.66
CA GLN A 88 20.35 17.32 -11.55
C GLN A 88 20.27 17.78 -13.02
N SER A 89 20.64 16.89 -13.93
CA SER A 89 20.55 17.08 -15.41
C SER A 89 19.08 17.10 -15.82
N GLU A 90 18.80 17.48 -17.06
CA GLU A 90 17.41 17.52 -17.61
C GLU A 90 17.08 16.14 -18.23
N ALA A 91 18.07 15.27 -18.40
CA ALA A 91 17.95 13.95 -19.07
C ALA A 91 17.38 12.84 -18.15
N GLY A 92 17.59 12.90 -16.83
CA GLY A 92 17.14 11.82 -15.94
C GLY A 92 15.64 11.92 -15.62
N SER A 93 14.98 10.77 -15.46
CA SER A 93 13.58 10.68 -14.95
C SER A 93 13.63 10.87 -13.43
N HIS A 94 12.65 11.56 -12.86
CA HIS A 94 12.56 11.73 -11.39
C HIS A 94 11.09 11.53 -10.96
N THR A 95 10.92 11.18 -9.70
CA THR A 95 9.64 10.83 -9.10
C THR A 95 9.38 11.77 -7.93
N LEU A 96 8.17 12.32 -7.87
CA LEU A 96 7.61 12.95 -6.66
C LEU A 96 6.42 12.13 -6.18
N GLN A 97 6.51 11.70 -4.94
CA GLN A 97 5.42 11.02 -4.21
C GLN A 97 4.88 12.01 -3.17
N SER A 98 3.57 12.20 -3.15
CA SER A 98 2.90 13.10 -2.20
C SER A 98 1.82 12.30 -1.53
N MET A 99 1.68 12.47 -0.22
CA MET A 99 0.57 11.85 0.51
C MET A 99 0.03 12.89 1.48
N TYR A 100 -1.27 13.09 1.49
CA TYR A 100 -1.89 13.99 2.48
C TYR A 100 -3.19 13.37 2.92
N GLY A 101 -3.67 13.79 4.08
CA GLY A 101 -5.00 13.33 4.50
C GLY A 101 -5.24 13.59 5.96
N CYS A 102 -6.39 13.12 6.42
CA CYS A 102 -6.87 13.38 7.79
C CYS A 102 -7.27 12.05 8.41
N ASP A 103 -6.92 11.90 9.69
CA ASP A 103 -7.37 10.81 10.58
C ASP A 103 -8.35 11.42 11.59
N VAL A 104 -9.49 10.80 11.77
CA VAL A 104 -10.55 11.30 12.70
C VAL A 104 -10.85 10.18 13.69
N GLY A 105 -11.23 10.54 14.93
CA GLY A 105 -11.71 9.58 15.92
C GLY A 105 -13.22 9.43 15.77
N PRO A 106 -13.90 8.74 16.73
CA PRO A 106 -15.35 8.55 16.69
C PRO A 106 -16.14 9.87 16.69
N ASP A 107 -15.67 10.91 17.39
CA ASP A 107 -16.31 12.26 17.37
C ASP A 107 -16.26 12.82 15.94
N GLY A 108 -15.33 12.36 15.12
CA GLY A 108 -15.23 12.74 13.69
C GLY A 108 -14.54 14.07 13.51
N ARG A 109 -13.78 14.52 14.51
CA ARG A 109 -12.90 15.71 14.40
C ARG A 109 -11.47 15.22 14.15
N LEU A 110 -10.66 16.02 13.48
CA LEU A 110 -9.24 15.70 13.17
C LEU A 110 -8.56 15.19 14.43
N LEU A 111 -7.94 14.02 14.33
CA LEU A 111 -7.05 13.42 15.34
C LEU A 111 -5.60 13.64 14.90
N ARG A 112 -5.32 13.64 13.60
CA ARG A 112 -3.95 13.70 13.04
C ARG A 112 -4.07 14.05 11.54
N GLY A 113 -3.27 15.03 11.14
CA GLY A 113 -3.12 15.49 9.75
C GLY A 113 -1.80 15.01 9.18
N HIS A 114 -1.79 14.69 7.89
CA HIS A 114 -0.57 14.28 7.17
C HIS A 114 -0.48 15.09 5.91
N ASP A 115 0.74 15.49 5.55
CA ASP A 115 0.99 16.23 4.30
C ASP A 115 2.48 16.16 4.04
N GLN A 116 2.91 15.24 3.17
CA GLN A 116 4.35 14.90 3.12
C GLN A 116 4.74 14.52 1.69
N TYR A 117 6.05 14.49 1.47
CA TYR A 117 6.66 14.41 0.13
C TYR A 117 7.94 13.57 0.18
N ALA A 118 8.10 12.77 -0.86
CA ALA A 118 9.31 11.99 -1.12
C ALA A 118 9.75 12.30 -2.54
N TYR A 119 11.05 12.56 -2.72
CA TYR A 119 11.65 12.80 -4.05
C TYR A 119 12.61 11.64 -4.36
N ASP A 120 12.47 11.08 -5.54
CA ASP A 120 13.28 9.90 -5.96
C ASP A 120 13.37 8.87 -4.84
N GLY A 121 12.23 8.58 -4.19
CA GLY A 121 12.11 7.43 -3.27
C GLY A 121 12.66 7.71 -1.89
N LYS A 122 13.09 8.94 -1.59
CA LYS A 122 13.70 9.36 -0.30
C LYS A 122 12.80 10.45 0.31
N ASP A 123 12.68 10.47 1.64
CA ASP A 123 12.00 11.56 2.38
C ASP A 123 12.47 12.90 1.86
N TYR A 124 11.53 13.83 1.65
CA TYR A 124 11.89 15.19 1.23
C TYR A 124 11.49 16.15 2.35
N ILE A 125 10.18 16.37 2.53
CA ILE A 125 9.66 17.30 3.56
C ILE A 125 8.31 16.74 4.04
N ALA A 126 8.01 16.92 5.31
CA ALA A 126 6.74 16.43 5.92
C ALA A 126 6.21 17.50 6.87
N LEU A 127 4.92 17.72 6.81
CA LEU A 127 4.22 18.54 7.84
C LEU A 127 4.24 17.78 9.17
N ASN A 128 4.75 18.43 10.21
CA ASN A 128 4.84 17.82 11.56
C ASN A 128 3.44 17.66 12.14
N GLU A 129 3.32 16.81 13.15
CA GLU A 129 2.05 16.48 13.83
C GLU A 129 1.36 17.74 14.39
N ASP A 130 2.10 18.79 14.72
CA ASP A 130 1.48 20.05 15.22
C ASP A 130 0.79 20.79 14.07
N LEU A 131 0.99 20.41 12.81
CA LEU A 131 0.43 21.10 11.62
C LEU A 131 0.87 22.57 11.59
N ARG A 132 2.00 22.92 12.21
CA ARG A 132 2.52 24.31 12.28
C ARG A 132 3.95 24.40 11.73
N SER A 133 4.63 23.26 11.58
CA SER A 133 6.10 23.20 11.35
C SER A 133 6.41 22.02 10.41
N TRP A 134 7.61 22.04 9.83
CA TRP A 134 8.03 21.13 8.74
C TRP A 134 9.27 20.37 9.21
N THR A 135 9.40 19.11 8.81
CA THR A 135 10.67 18.35 8.89
C THR A 135 11.25 18.20 7.48
N ALA A 136 12.38 18.83 7.21
CA ALA A 136 13.10 18.71 5.93
C ALA A 136 14.14 17.59 6.12
N ALA A 137 14.25 16.71 5.13
CA ALA A 137 15.10 15.49 5.18
C ALA A 137 16.57 15.83 4.95
N ASP A 138 16.84 16.93 4.24
CA ASP A 138 18.20 17.28 3.77
C ASP A 138 18.26 18.78 3.47
N THR A 139 19.37 19.26 2.93
CA THR A 139 19.65 20.71 2.85
C THR A 139 18.79 21.26 1.72
N ALA A 140 18.57 20.47 0.67
CA ALA A 140 17.72 20.85 -0.47
C ALA A 140 16.31 21.14 0.04
N ALA A 141 15.79 20.28 0.89
CA ALA A 141 14.40 20.36 1.37
C ALA A 141 14.25 21.56 2.30
N GLN A 142 15.34 21.98 2.94
CA GLN A 142 15.40 23.22 3.74
C GLN A 142 15.11 24.43 2.83
N ILE A 143 15.40 24.39 1.53
CA ILE A 143 15.00 25.49 0.62
C ILE A 143 13.46 25.56 0.61
N THR A 144 12.81 24.43 0.38
CA THR A 144 11.32 24.35 0.37
C THR A 144 10.78 24.77 1.74
N GLN A 145 11.42 24.30 2.83
CA GLN A 145 10.97 24.61 4.20
C GLN A 145 11.00 26.14 4.38
N ARG A 146 12.08 26.82 3.99
CA ARG A 146 12.20 28.29 4.23
C ARG A 146 11.10 28.98 3.43
N LYS A 147 10.89 28.56 2.18
CA LYS A 147 9.89 29.19 1.28
C LYS A 147 8.49 29.03 1.90
N TRP A 148 8.16 27.82 2.36
CA TRP A 148 6.80 27.50 2.85
C TRP A 148 6.55 28.16 4.21
N GLU A 149 7.61 28.31 4.99
CA GLU A 149 7.54 29.02 6.29
C GLU A 149 7.27 30.51 6.03
N ALA A 150 8.07 31.13 5.17
CA ALA A 150 7.90 32.56 4.81
C ALA A 150 6.47 32.83 4.32
N ALA A 151 5.88 31.90 3.56
CA ALA A 151 4.56 32.07 2.91
C ALA A 151 3.44 31.58 3.81
N ARG A 152 3.76 31.07 5.01
CA ARG A 152 2.76 30.68 6.02
C ARG A 152 1.82 29.60 5.45
N GLU A 153 2.33 28.74 4.57
CA GLU A 153 1.46 27.74 3.87
C GLU A 153 0.96 26.66 4.85
N ALA A 154 1.69 26.33 5.91
CA ALA A 154 1.24 25.37 6.94
C ALA A 154 -0.16 25.76 7.45
N GLU A 155 -0.45 27.06 7.60
CA GLU A 155 -1.76 27.53 8.16
C GLU A 155 -2.89 27.12 7.22
N GLN A 156 -2.68 27.29 5.91
CA GLN A 156 -3.67 26.88 4.89
C GLN A 156 -3.80 25.34 4.86
N ARG A 157 -2.69 24.61 4.93
CA ARG A 157 -2.75 23.13 4.89
C ARG A 157 -3.47 22.64 6.15
N ARG A 158 -3.18 23.26 7.30
CA ARG A 158 -3.81 22.89 8.59
C ARG A 158 -5.31 23.17 8.47
N ALA A 159 -5.70 24.33 7.95
CA ALA A 159 -7.14 24.67 7.90
C ALA A 159 -7.86 23.66 7.01
N TYR A 160 -7.22 23.23 5.91
CA TYR A 160 -7.76 22.26 4.93
C TYR A 160 -7.95 20.88 5.60
N LEU A 161 -6.94 20.44 6.33
CA LEU A 161 -6.92 19.10 6.95
C LEU A 161 -8.00 19.03 8.04
N GLU A 162 -8.20 20.14 8.77
CA GLU A 162 -9.16 20.25 9.90
C GLU A 162 -10.58 20.41 9.39
N GLY A 163 -10.74 20.93 8.17
CA GLY A 163 -12.03 21.37 7.64
C GLY A 163 -12.49 20.49 6.52
N GLU A 164 -12.20 20.89 5.29
CA GLU A 164 -12.68 20.17 4.09
C GLU A 164 -12.36 18.67 4.16
N CYS A 165 -11.14 18.30 4.53
CA CYS A 165 -10.68 16.89 4.50
C CYS A 165 -11.64 16.04 5.33
N VAL A 166 -11.93 16.50 6.54
CA VAL A 166 -12.79 15.76 7.50
C VAL A 166 -14.24 15.70 6.97
N GLU A 167 -14.68 16.75 6.26
CA GLU A 167 -16.06 16.83 5.75
C GLU A 167 -16.20 15.80 4.63
N TRP A 168 -15.20 15.67 3.75
CA TRP A 168 -15.29 14.65 2.67
C TRP A 168 -15.31 13.26 3.30
N LEU A 169 -14.47 13.04 4.30
CA LEU A 169 -14.36 11.70 4.95
C LEU A 169 -15.72 11.36 5.58
N ARG A 170 -16.36 12.33 6.23
CA ARG A 170 -17.71 12.17 6.86
C ARG A 170 -18.73 11.73 5.81
N ARG A 171 -18.76 12.40 4.66
CA ARG A 171 -19.69 12.05 3.55
C ARG A 171 -19.41 10.62 3.07
N TYR A 172 -18.15 10.24 2.85
CA TYR A 172 -17.79 8.89 2.36
C TYR A 172 -18.20 7.80 3.36
N LEU A 173 -17.97 8.00 4.65
CA LEU A 173 -18.43 7.06 5.70
C LEU A 173 -19.97 6.91 5.64
N GLU A 174 -20.68 8.02 5.46
CA GLU A 174 -22.16 8.01 5.23
C GLU A 174 -22.48 7.19 3.97
N ASN A 175 -21.80 7.40 2.84
CA ASN A 175 -22.04 6.61 1.60
C ASN A 175 -21.77 5.11 1.88
N GLY A 176 -20.61 4.83 2.47
CA GLY A 176 -20.09 3.46 2.62
C GLY A 176 -20.78 2.65 3.69
N LYS A 177 -21.19 3.29 4.78
CA LYS A 177 -21.90 2.57 5.87
C LYS A 177 -21.07 1.37 6.36
N ASP A 178 -21.65 0.18 6.29
CA ASP A 178 -21.02 -1.08 6.78
C ASP A 178 -19.76 -1.44 5.99
N LYS A 179 -19.70 -1.07 4.71
CA LYS A 179 -18.52 -1.40 3.88
C LYS A 179 -17.25 -0.70 4.41
N LEU A 180 -17.42 0.40 5.10
CA LEU A 180 -16.25 1.12 5.67
C LEU A 180 -16.20 0.92 7.19
N GLU A 181 -17.35 0.80 7.86
CA GLU A 181 -17.39 0.70 9.34
C GLU A 181 -16.88 -0.69 9.79
N ARG A 182 -17.13 -1.76 9.04
CA ARG A 182 -16.68 -3.16 9.33
C ARG A 182 -15.23 -3.24 9.81
N ALA A 183 -15.00 -4.01 10.87
CA ALA A 183 -13.71 -4.67 11.17
C ALA A 183 -13.90 -6.19 11.01
N ASP A 184 -13.37 -6.78 9.94
CA ASP A 184 -13.43 -8.24 9.68
C ASP A 184 -12.25 -8.87 10.42
N PRO A 185 -12.54 -9.70 11.45
CA PRO A 185 -11.51 -10.34 12.25
C PRO A 185 -10.80 -11.36 11.40
N PRO A 186 -9.53 -11.62 11.72
CA PRO A 186 -8.78 -12.63 11.00
C PRO A 186 -9.33 -14.02 11.27
N LYS A 187 -9.26 -14.85 10.23
CA LYS A 187 -9.41 -16.32 10.36
C LYS A 187 -8.02 -16.87 10.68
N THR A 188 -7.82 -17.52 11.82
CA THR A 188 -6.47 -17.92 12.29
C THR A 188 -6.34 -19.42 12.32
N HIS A 189 -5.14 -19.91 12.01
CA HIS A 189 -4.77 -21.35 12.12
C HIS A 189 -3.26 -21.47 12.16
N VAL A 190 -2.81 -22.60 12.66
CA VAL A 190 -1.40 -22.96 12.76
C VAL A 190 -1.15 -24.21 11.94
N THR A 191 -0.08 -24.18 11.16
CA THR A 191 0.42 -25.34 10.39
C THR A 191 1.79 -25.73 10.92
N HIS A 192 2.18 -26.97 10.63
CA HIS A 192 3.38 -27.64 11.17
C HIS A 192 4.19 -28.17 10.00
N HIS A 193 5.45 -27.78 9.86
CA HIS A 193 6.27 -28.10 8.67
C HIS A 193 7.61 -28.68 9.14
N PRO A 194 7.73 -30.03 9.24
CA PRO A 194 8.97 -30.69 9.66
C PRO A 194 10.16 -30.25 8.81
N ILE A 195 11.28 -29.93 9.46
CA ILE A 195 12.53 -29.50 8.78
C ILE A 195 13.46 -30.71 8.75
N SER A 196 13.77 -31.20 9.93
CA SER A 196 14.61 -32.42 10.15
C SER A 196 13.86 -33.28 11.16
N ASP A 197 14.52 -34.26 11.76
CA ASP A 197 13.80 -35.04 12.80
C ASP A 197 13.89 -34.29 14.14
N HIS A 198 14.75 -33.29 14.24
CA HIS A 198 14.86 -32.55 15.51
C HIS A 198 14.07 -31.23 15.49
N GLU A 199 13.59 -30.77 14.32
CA GLU A 199 12.97 -29.41 14.29
C GLU A 199 11.81 -29.28 13.29
N ALA A 200 10.84 -28.40 13.61
CA ALA A 200 9.72 -28.10 12.70
C ALA A 200 9.37 -26.62 12.77
N THR A 201 9.02 -26.01 11.64
CA THR A 201 8.40 -24.67 11.54
C THR A 201 6.94 -24.77 11.99
N LEU A 202 6.56 -23.96 12.97
CA LEU A 202 5.14 -23.63 13.23
C LEU A 202 4.84 -22.31 12.54
N ARG A 203 3.81 -22.28 11.70
CA ARG A 203 3.42 -21.09 10.93
C ARG A 203 2.00 -20.72 11.39
N CYS A 204 1.89 -19.52 11.95
CA CYS A 204 0.62 -18.94 12.45
C CYS A 204 0.08 -17.99 11.38
N TRP A 205 -1.09 -18.32 10.85
CA TRP A 205 -1.76 -17.60 9.74
C TRP A 205 -2.90 -16.74 10.26
N ALA A 206 -3.04 -15.57 9.68
CA ALA A 206 -4.21 -14.70 9.81
C ALA A 206 -4.66 -14.39 8.40
N LEU A 207 -5.91 -14.71 8.08
CA LEU A 207 -6.47 -14.51 6.73
C LEU A 207 -7.80 -13.77 6.81
N GLY A 208 -8.12 -13.04 5.75
CA GLY A 208 -9.47 -12.47 5.54
C GLY A 208 -9.78 -11.34 6.49
N PHE A 209 -8.76 -10.64 7.02
CA PHE A 209 -8.98 -9.51 7.94
C PHE A 209 -8.96 -8.18 7.20
N TYR A 210 -9.67 -7.25 7.84
CA TYR A 210 -9.77 -5.83 7.46
C TYR A 210 -10.12 -5.05 8.72
N PRO A 211 -9.49 -3.90 8.97
CA PRO A 211 -8.41 -3.36 8.12
C PRO A 211 -7.07 -4.09 8.21
N ALA A 212 -6.04 -3.56 7.52
CA ALA A 212 -4.75 -4.27 7.33
C ALA A 212 -3.95 -4.36 8.61
N GLU A 213 -4.07 -3.37 9.51
CA GLU A 213 -3.28 -3.31 10.77
C GLU A 213 -3.53 -4.60 11.55
N ILE A 214 -2.46 -5.27 11.95
CA ILE A 214 -2.52 -6.51 12.73
C ILE A 214 -1.18 -6.71 13.44
N THR A 215 -1.20 -7.37 14.60
CA THR A 215 0.03 -7.89 15.24
C THR A 215 -0.05 -9.40 15.42
N LEU A 216 0.93 -10.13 14.87
CA LEU A 216 1.13 -11.57 15.03
C LEU A 216 2.45 -11.76 15.77
N THR A 217 2.46 -12.49 16.85
CA THR A 217 3.70 -12.79 17.61
C THR A 217 3.64 -14.25 18.02
N TRP A 218 4.81 -14.88 18.13
CA TRP A 218 4.98 -16.18 18.82
C TRP A 218 5.54 -15.90 20.22
N GLN A 219 5.07 -16.62 21.20
CA GLN A 219 5.69 -16.65 22.54
C GLN A 219 6.11 -18.08 22.83
N ARG A 220 7.19 -18.22 23.61
CA ARG A 220 7.62 -19.50 24.20
C ARG A 220 7.45 -19.35 25.71
N ASP A 221 6.57 -20.17 26.29
CA ASP A 221 6.09 -20.03 27.70
C ASP A 221 5.93 -18.54 28.05
N GLY A 222 5.21 -17.78 27.24
CA GLY A 222 4.86 -16.39 27.55
C GLY A 222 5.99 -15.40 27.27
N GLU A 223 7.16 -15.84 26.83
CA GLU A 223 8.32 -14.96 26.52
C GLU A 223 8.35 -14.66 25.02
N ASP A 224 8.51 -13.39 24.66
CA ASP A 224 8.39 -13.00 23.24
C ASP A 224 9.59 -13.55 22.47
N GLN A 225 9.36 -13.92 21.20
CA GLN A 225 10.32 -14.61 20.31
C GLN A 225 10.64 -13.74 19.10
N THR A 226 10.66 -12.41 19.27
CA THR A 226 10.76 -11.44 18.15
C THR A 226 11.96 -11.79 17.26
N GLN A 227 13.14 -12.01 17.85
CA GLN A 227 14.39 -12.25 17.08
C GLN A 227 14.31 -13.57 16.31
N ASP A 228 13.51 -14.55 16.74
CA ASP A 228 13.47 -15.90 16.11
C ASP A 228 12.17 -16.11 15.33
N THR A 229 11.39 -15.05 15.11
CA THR A 229 10.15 -15.14 14.30
C THR A 229 10.43 -14.63 12.88
N GLU A 230 9.99 -15.40 11.88
CA GLU A 230 9.93 -14.96 10.47
C GLU A 230 8.52 -14.42 10.25
N LEU A 231 8.40 -13.17 9.84
CA LEU A 231 7.14 -12.40 9.72
C LEU A 231 7.08 -11.92 8.28
N VAL A 232 6.06 -12.28 7.50
CA VAL A 232 5.93 -11.73 6.12
C VAL A 232 5.19 -10.40 6.19
N GLU A 233 5.47 -9.53 5.27
CA GLU A 233 4.72 -8.26 5.12
C GLU A 233 3.24 -8.61 4.96
N THR A 234 2.38 -7.82 5.56
CA THR A 234 0.93 -7.90 5.34
C THR A 234 0.65 -7.69 3.86
N ARG A 235 -0.19 -8.55 3.30
CA ARG A 235 -0.35 -8.63 1.83
C ARG A 235 -1.83 -8.68 1.51
N PRO A 236 -2.26 -8.04 0.42
CA PRO A 236 -3.67 -7.99 0.07
C PRO A 236 -4.15 -9.32 -0.55
N ALA A 237 -5.38 -9.74 -0.25
CA ALA A 237 -5.93 -11.01 -0.77
C ALA A 237 -6.58 -10.78 -2.14
N GLY A 238 -6.90 -9.52 -2.44
CA GLY A 238 -7.53 -9.06 -3.70
C GLY A 238 -9.04 -8.90 -3.57
N ASP A 239 -9.60 -9.26 -2.40
CA ASP A 239 -11.06 -9.14 -2.12
C ASP A 239 -11.30 -8.13 -1.01
N ARG A 240 -10.42 -7.14 -0.89
CA ARG A 240 -10.40 -6.07 0.16
C ARG A 240 -10.25 -6.70 1.55
N THR A 241 -9.55 -7.81 1.66
CA THR A 241 -9.02 -8.36 2.92
C THR A 241 -7.52 -8.57 2.79
N PHE A 242 -6.88 -8.87 3.91
CA PHE A 242 -5.40 -8.92 4.04
C PHE A 242 -5.03 -10.25 4.65
N GLN A 243 -3.76 -10.57 4.54
CA GLN A 243 -3.19 -11.83 5.03
C GLN A 243 -1.85 -11.54 5.66
N LYS A 244 -1.48 -12.37 6.62
CA LYS A 244 -0.15 -12.32 7.24
C LYS A 244 0.14 -13.67 7.84
N TRP A 245 1.40 -14.02 7.95
CA TRP A 245 1.80 -15.17 8.78
C TRP A 245 3.13 -14.87 9.45
N ALA A 246 3.34 -15.57 10.55
CA ALA A 246 4.52 -15.50 11.42
C ALA A 246 4.95 -16.92 11.68
N ALA A 247 6.25 -17.20 11.57
CA ALA A 247 6.78 -18.58 11.72
C ALA A 247 7.96 -18.64 12.69
N VAL A 248 8.06 -19.74 13.44
CA VAL A 248 9.14 -19.98 14.43
C VAL A 248 9.58 -21.45 14.28
N VAL A 249 10.87 -21.71 14.44
CA VAL A 249 11.44 -23.09 14.33
C VAL A 249 11.44 -23.70 15.74
N VAL A 250 10.78 -24.83 15.91
CA VAL A 250 10.45 -25.40 17.24
C VAL A 250 11.16 -26.75 17.35
N PRO A 251 11.92 -27.02 18.44
CA PRO A 251 12.37 -28.39 18.71
C PRO A 251 11.19 -29.37 18.85
N SER A 252 11.29 -30.55 18.26
CA SER A 252 10.29 -31.65 18.41
C SER A 252 10.04 -31.89 19.89
N GLY A 253 8.76 -32.04 20.28
CA GLY A 253 8.32 -32.27 21.66
C GLY A 253 8.04 -30.98 22.43
N GLU A 254 8.49 -29.82 21.95
CA GLU A 254 8.33 -28.51 22.64
C GLU A 254 7.17 -27.70 22.04
N GLU A 255 6.46 -28.23 21.06
CA GLU A 255 5.37 -27.50 20.38
C GLU A 255 4.35 -26.89 21.36
N GLN A 256 4.07 -27.53 22.47
CA GLN A 256 2.99 -27.05 23.38
C GLN A 256 3.50 -25.90 24.28
N ARG A 257 4.79 -25.57 24.22
CA ARG A 257 5.37 -24.36 24.86
C ARG A 257 5.07 -23.09 24.03
N TYR A 258 4.76 -23.23 22.74
CA TYR A 258 4.69 -22.10 21.78
C TYR A 258 3.24 -21.66 21.62
N THR A 259 2.98 -20.36 21.74
CA THR A 259 1.64 -19.79 21.51
C THR A 259 1.75 -18.70 20.45
N CYS A 260 0.76 -18.63 19.59
CA CYS A 260 0.68 -17.53 18.60
C CYS A 260 -0.40 -16.58 19.09
N HIS A 261 -0.11 -15.28 19.01
CA HIS A 261 -0.96 -14.23 19.59
C HIS A 261 -1.37 -13.30 18.46
N VAL A 262 -2.67 -13.09 18.30
CA VAL A 262 -3.19 -12.31 17.15
C VAL A 262 -4.00 -11.13 17.69
N GLN A 263 -3.54 -9.92 17.41
CA GLN A 263 -4.23 -8.67 17.80
C GLN A 263 -4.78 -8.01 16.55
N HIS A 264 -6.06 -7.68 16.55
CA HIS A 264 -6.74 -7.05 15.41
C HIS A 264 -7.92 -6.26 15.96
N GLU A 265 -8.26 -5.17 15.29
CA GLU A 265 -9.42 -4.32 15.65
C GLU A 265 -10.71 -5.17 15.70
N GLY A 266 -10.81 -6.21 14.90
CA GLY A 266 -12.03 -7.04 14.85
C GLY A 266 -12.10 -8.07 15.96
N LEU A 267 -11.05 -8.18 16.78
CA LEU A 267 -10.99 -9.11 17.94
C LEU A 267 -11.04 -8.29 19.23
N PRO A 268 -12.08 -8.48 20.06
CA PRO A 268 -12.15 -7.77 21.34
C PRO A 268 -10.93 -7.99 22.22
N LYS A 269 -10.43 -9.22 22.25
CA LYS A 269 -9.11 -9.45 22.88
C LYS A 269 -8.31 -10.27 21.89
N PRO A 270 -6.99 -10.27 22.04
CA PRO A 270 -6.16 -11.06 21.16
C PRO A 270 -6.48 -12.56 21.28
N LEU A 271 -6.35 -13.28 20.17
CA LEU A 271 -6.49 -14.75 20.13
C LEU A 271 -5.14 -15.36 20.48
N THR A 272 -5.15 -16.46 21.25
CA THR A 272 -3.98 -17.29 21.49
C THR A 272 -4.20 -18.63 20.81
N LEU A 273 -3.30 -19.04 19.94
CA LEU A 273 -3.43 -20.34 19.25
C LEU A 273 -2.19 -21.17 19.57
N ARG A 274 -2.34 -22.48 19.42
CA ARG A 274 -1.22 -23.44 19.52
C ARG A 274 -1.32 -24.40 18.35
N TRP A 275 -0.21 -25.06 18.06
CA TRP A 275 -0.22 -26.20 17.13
C TRP A 275 -1.20 -27.27 17.67
N GLU A 276 -2.23 -27.54 16.87
CA GLU A 276 -3.35 -28.49 17.15
C GLU A 276 -3.57 -29.38 15.92
N MET B 1 19.89 8.70 -8.50
CA MET B 1 18.80 8.16 -7.67
C MET B 1 19.26 6.80 -7.13
N ILE B 2 18.91 6.53 -5.89
CA ILE B 2 19.11 5.22 -5.23
C ILE B 2 17.93 4.31 -5.65
N GLN B 3 18.26 3.18 -6.23
CA GLN B 3 17.25 2.20 -6.68
C GLN B 3 17.02 1.18 -5.55
N ARG B 4 15.82 0.64 -5.53
CA ARG B 4 15.43 -0.39 -4.56
C ARG B 4 14.80 -1.56 -5.30
N THR B 5 15.28 -2.76 -4.99
CA THR B 5 14.80 -4.01 -5.58
C THR B 5 13.40 -4.35 -5.06
N PRO B 6 12.48 -4.84 -5.89
CA PRO B 6 11.18 -5.27 -5.41
C PRO B 6 11.27 -6.48 -4.49
N LYS B 7 10.45 -6.47 -3.46
CA LYS B 7 10.06 -7.65 -2.68
C LYS B 7 8.90 -8.30 -3.43
N ILE B 8 8.78 -9.61 -3.26
CA ILE B 8 7.81 -10.40 -4.05
C ILE B 8 7.22 -11.42 -3.10
N GLN B 9 5.89 -11.47 -3.06
CA GLN B 9 5.20 -12.64 -2.46
C GLN B 9 4.21 -13.16 -3.49
N VAL B 10 4.16 -14.48 -3.61
CA VAL B 10 3.23 -15.21 -4.48
C VAL B 10 2.42 -16.13 -3.57
N TYR B 11 1.11 -16.08 -3.71
CA TYR B 11 0.18 -16.67 -2.73
C TYR B 11 -1.22 -16.71 -3.31
N SER B 12 -2.06 -17.57 -2.75
CA SER B 12 -3.46 -17.69 -3.16
C SER B 12 -4.33 -16.84 -2.24
N ARG B 13 -5.46 -16.38 -2.76
CA ARG B 13 -6.43 -15.57 -2.00
C ARG B 13 -7.01 -16.43 -0.85
N HIS B 14 -7.30 -17.71 -1.11
CA HIS B 14 -7.86 -18.69 -0.17
C HIS B 14 -6.86 -19.83 0.01
N PRO B 15 -6.84 -20.52 1.17
CA PRO B 15 -5.97 -21.67 1.36
C PRO B 15 -6.29 -22.66 0.24
N ALA B 16 -5.26 -23.09 -0.49
CA ALA B 16 -5.46 -23.86 -1.74
C ALA B 16 -5.89 -25.31 -1.40
N GLU B 17 -6.70 -25.88 -2.27
CA GLU B 17 -6.95 -27.35 -2.36
C GLU B 17 -6.97 -27.74 -3.83
N ASN B 18 -6.42 -28.91 -4.15
CA ASN B 18 -6.39 -29.36 -5.57
C ASN B 18 -7.82 -29.38 -6.11
N GLY B 19 -8.00 -28.88 -7.33
CA GLY B 19 -9.29 -28.90 -8.03
C GLY B 19 -10.22 -27.80 -7.61
N LYS B 20 -9.85 -26.94 -6.65
CA LYS B 20 -10.78 -25.89 -6.16
C LYS B 20 -10.34 -24.54 -6.73
N SER B 21 -11.26 -23.87 -7.39
CA SER B 21 -11.09 -22.54 -8.01
C SER B 21 -10.61 -21.58 -6.93
N ASN B 22 -9.76 -20.63 -7.30
CA ASN B 22 -9.05 -19.76 -6.33
C ASN B 22 -8.54 -18.57 -7.14
N PHE B 23 -7.76 -17.71 -6.52
CA PHE B 23 -7.04 -16.58 -7.18
C PHE B 23 -5.56 -16.65 -6.82
N LEU B 24 -4.74 -16.47 -7.84
CA LEU B 24 -3.27 -16.46 -7.72
C LEU B 24 -2.87 -14.98 -7.69
N ASN B 25 -2.13 -14.64 -6.65
CA ASN B 25 -1.69 -13.26 -6.40
C ASN B 25 -0.17 -13.21 -6.49
N CYS B 26 0.33 -12.14 -7.06
CA CYS B 26 1.74 -11.77 -6.91
C CYS B 26 1.79 -10.33 -6.45
N TYR B 27 2.33 -10.12 -5.25
CA TYR B 27 2.38 -8.82 -4.58
C TYR B 27 3.83 -8.37 -4.69
N VAL B 28 4.05 -7.23 -5.33
CA VAL B 28 5.40 -6.63 -5.45
C VAL B 28 5.37 -5.32 -4.66
N SER B 29 6.41 -5.07 -3.90
CA SER B 29 6.48 -3.84 -3.09
C SER B 29 7.90 -3.41 -2.89
N GLY B 30 8.05 -2.14 -2.47
CA GLY B 30 9.29 -1.56 -1.95
C GLY B 30 10.29 -1.32 -3.07
N PHE B 31 9.81 -1.23 -4.31
CA PHE B 31 10.67 -1.08 -5.51
C PHE B 31 10.78 0.41 -5.81
N HIS B 32 11.96 0.80 -6.23
CA HIS B 32 12.18 2.15 -6.78
C HIS B 32 13.19 2.07 -7.90
N PRO B 33 12.94 2.72 -9.04
CA PRO B 33 11.75 3.50 -9.32
C PRO B 33 10.49 2.67 -9.63
N SER B 34 9.40 3.31 -10.07
CA SER B 34 8.04 2.71 -10.00
C SER B 34 7.79 1.80 -11.20
N ASP B 35 8.54 1.96 -12.29
CA ASP B 35 8.28 1.10 -13.47
C ASP B 35 8.66 -0.33 -13.13
N ILE B 36 7.78 -1.26 -13.45
CA ILE B 36 7.99 -2.69 -13.10
C ILE B 36 7.14 -3.52 -14.04
N GLU B 37 7.55 -4.75 -14.23
CA GLU B 37 6.81 -5.70 -15.08
C GLU B 37 6.60 -6.99 -14.29
N VAL B 38 5.37 -7.48 -14.29
CA VAL B 38 5.01 -8.68 -13.49
C VAL B 38 4.18 -9.60 -14.37
N ASP B 39 4.63 -10.85 -14.50
CA ASP B 39 3.90 -11.93 -15.18
C ASP B 39 3.64 -13.06 -14.17
N LEU B 40 2.46 -13.64 -14.29
CA LEU B 40 2.16 -14.93 -13.63
C LEU B 40 2.36 -16.06 -14.66
N LEU B 41 3.02 -17.13 -14.18
CA LEU B 41 3.46 -18.27 -14.99
C LEU B 41 2.68 -19.51 -14.58
N LYS B 42 2.22 -20.27 -15.57
CA LYS B 42 1.73 -21.66 -15.33
C LYS B 42 2.65 -22.61 -16.07
N ASN B 43 3.34 -23.48 -15.34
CA ASN B 43 4.32 -24.44 -15.92
C ASN B 43 5.26 -23.66 -16.84
N GLY B 44 5.70 -22.47 -16.41
CA GLY B 44 6.74 -21.70 -17.11
C GLY B 44 6.20 -20.82 -18.22
N GLU B 45 4.91 -20.93 -18.57
CA GLU B 45 4.29 -20.10 -19.64
C GLU B 45 3.50 -18.94 -19.03
N ARG B 46 3.61 -17.76 -19.63
CA ARG B 46 2.90 -16.53 -19.19
C ARG B 46 1.39 -16.73 -19.29
N ILE B 47 0.66 -16.41 -18.22
CA ILE B 47 -0.82 -16.48 -18.17
C ILE B 47 -1.30 -15.19 -18.81
N GLU B 48 -2.33 -15.27 -19.66
N GLU B 48 -2.17 -15.32 -19.82
CA GLU B 48 -2.92 -14.06 -20.29
CA GLU B 48 -2.53 -14.23 -20.76
C GLU B 48 -4.06 -13.50 -19.42
C GLU B 48 -3.36 -13.16 -20.06
N LYS B 49 -4.33 -12.20 -19.60
N LYS B 49 -4.44 -13.57 -19.37
CA LYS B 49 -5.50 -11.48 -19.05
CA LYS B 49 -5.43 -12.68 -18.72
C LYS B 49 -5.39 -11.40 -17.52
C LYS B 49 -5.02 -12.43 -17.27
N VAL B 50 -4.15 -11.44 -17.02
CA VAL B 50 -3.83 -11.11 -15.61
C VAL B 50 -4.17 -9.64 -15.39
N GLU B 51 -4.78 -9.32 -14.25
CA GLU B 51 -5.14 -7.92 -13.90
C GLU B 51 -4.17 -7.45 -12.82
N HIS B 52 -4.08 -6.16 -12.63
CA HIS B 52 -3.27 -5.56 -11.54
C HIS B 52 -3.99 -4.36 -10.95
N SER B 53 -3.51 -3.97 -9.79
CA SER B 53 -4.01 -2.80 -9.04
C SER B 53 -3.40 -1.52 -9.63
N ASP B 54 -3.96 -0.39 -9.22
CA ASP B 54 -3.44 0.94 -9.57
C ASP B 54 -2.19 1.17 -8.74
N LEU B 55 -1.20 1.88 -9.31
CA LEU B 55 0.04 2.18 -8.56
C LEU B 55 -0.32 2.96 -7.30
N SER B 56 0.16 2.45 -6.18
CA SER B 56 -0.03 3.08 -4.86
C SER B 56 1.27 2.95 -4.10
N PHE B 57 1.33 3.50 -2.91
CA PHE B 57 2.48 3.35 -2.00
C PHE B 57 2.00 3.47 -0.56
N SER B 58 2.79 2.96 0.36
CA SER B 58 2.49 3.01 1.81
C SER B 58 3.00 4.34 2.35
N LYS B 59 2.69 4.62 3.61
CA LYS B 59 3.07 5.89 4.25
C LYS B 59 4.60 6.02 4.25
N ASP B 60 5.34 4.91 4.26
CA ASP B 60 6.82 4.91 4.23
C ASP B 60 7.36 5.01 2.79
N TRP B 61 6.50 5.25 1.80
CA TRP B 61 6.85 5.57 0.39
C TRP B 61 7.08 4.28 -0.42
N SER B 62 6.84 3.10 0.18
CA SER B 62 7.03 1.80 -0.48
C SER B 62 5.92 1.67 -1.52
N PHE B 63 6.29 1.74 -2.81
CA PHE B 63 5.35 1.44 -3.91
C PHE B 63 4.88 -0.01 -3.74
N TYR B 64 3.68 -0.29 -4.20
CA TYR B 64 3.15 -1.69 -4.25
C TYR B 64 2.15 -1.82 -5.38
N LEU B 65 2.11 -3.03 -5.94
CA LEU B 65 1.11 -3.49 -6.91
C LEU B 65 0.75 -4.93 -6.59
N LEU B 66 -0.51 -5.27 -6.83
CA LEU B 66 -1.03 -6.64 -6.83
C LEU B 66 -1.39 -7.01 -8.27
N TYR B 67 -0.83 -8.12 -8.72
CA TYR B 67 -1.20 -8.80 -9.97
C TYR B 67 -1.92 -10.10 -9.63
N TYR B 68 -3.01 -10.40 -10.35
CA TYR B 68 -3.88 -11.51 -9.93
C TYR B 68 -4.65 -12.06 -11.11
N THR B 69 -4.98 -13.34 -10.99
CA THR B 69 -5.81 -14.08 -11.94
C THR B 69 -6.53 -15.22 -11.20
N GLU B 70 -7.69 -15.62 -11.74
CA GLU B 70 -8.36 -16.88 -11.34
C GLU B 70 -7.47 -18.06 -11.68
N PHE B 71 -7.43 -19.09 -10.85
CA PHE B 71 -6.73 -20.35 -11.18
C PHE B 71 -7.31 -21.48 -10.33
N THR B 72 -7.18 -22.70 -10.83
CA THR B 72 -7.59 -23.93 -10.13
C THR B 72 -6.33 -24.73 -9.88
N PRO B 73 -5.70 -24.63 -8.70
CA PRO B 73 -4.46 -25.35 -8.45
C PRO B 73 -4.70 -26.86 -8.52
N THR B 74 -3.66 -27.61 -8.86
CA THR B 74 -3.68 -29.08 -8.96
C THR B 74 -2.44 -29.57 -8.22
N GLU B 75 -2.24 -30.88 -8.14
CA GLU B 75 -1.06 -31.43 -7.45
C GLU B 75 0.20 -31.05 -8.21
N LYS B 76 0.13 -31.05 -9.55
CA LYS B 76 1.33 -31.20 -10.41
C LYS B 76 1.64 -29.88 -11.12
N ASP B 77 0.64 -29.02 -11.38
CA ASP B 77 0.85 -27.72 -12.09
C ASP B 77 1.71 -26.81 -11.21
N GLU B 78 2.69 -26.14 -11.82
CA GLU B 78 3.64 -25.23 -11.12
C GLU B 78 3.21 -23.80 -11.46
N TYR B 79 2.97 -22.95 -10.45
CA TYR B 79 2.67 -21.51 -10.66
C TYR B 79 3.84 -20.67 -10.11
N ALA B 80 4.08 -19.54 -10.74
CA ALA B 80 5.15 -18.63 -10.31
C ALA B 80 4.84 -17.21 -10.72
N CYS B 81 5.60 -16.32 -10.12
CA CYS B 81 5.61 -14.89 -10.46
C CYS B 81 6.99 -14.54 -10.98
N ARG B 82 7.00 -13.80 -12.08
CA ARG B 82 8.24 -13.40 -12.79
C ARG B 82 8.22 -11.88 -12.91
N VAL B 83 9.24 -11.25 -12.34
CA VAL B 83 9.33 -9.80 -12.21
C VAL B 83 10.58 -9.30 -12.95
N ASN B 84 10.39 -8.25 -13.75
CA ASN B 84 11.48 -7.43 -14.32
C ASN B 84 11.41 -6.05 -13.71
N HIS B 85 12.58 -5.56 -13.33
CA HIS B 85 12.77 -4.22 -12.74
C HIS B 85 14.18 -3.79 -13.08
N VAL B 86 14.44 -2.49 -13.18
CA VAL B 86 15.78 -1.99 -13.55
C VAL B 86 16.81 -2.54 -12.57
N THR B 87 16.51 -2.84 -11.30
CA THR B 87 17.51 -3.33 -10.32
C THR B 87 17.89 -4.82 -10.53
N LEU B 88 17.18 -5.51 -11.42
CA LEU B 88 17.32 -6.98 -11.63
C LEU B 88 18.06 -7.24 -12.96
N SER B 89 19.15 -7.98 -12.90
CA SER B 89 19.99 -8.31 -14.08
C SER B 89 19.35 -9.43 -14.90
N GLN B 90 18.48 -10.19 -14.27
CA GLN B 90 17.69 -11.28 -14.93
C GLN B 90 16.28 -11.19 -14.35
N PRO B 91 15.27 -11.80 -14.98
CA PRO B 91 13.94 -11.82 -14.37
C PRO B 91 14.05 -12.60 -13.05
N LYS B 92 13.31 -12.12 -12.05
CA LYS B 92 13.25 -12.77 -10.74
C LYS B 92 12.01 -13.65 -10.72
N ILE B 93 12.21 -14.96 -10.53
CA ILE B 93 11.06 -15.92 -10.56
C ILE B 93 10.83 -16.45 -9.15
N VAL B 94 9.61 -16.27 -8.62
CA VAL B 94 9.24 -16.81 -7.29
C VAL B 94 8.11 -17.81 -7.47
N LYS B 95 8.36 -19.05 -7.06
CA LYS B 95 7.41 -20.17 -7.25
C LYS B 95 6.30 -20.02 -6.22
N TRP B 96 5.08 -20.32 -6.61
CA TRP B 96 3.95 -20.41 -5.68
C TRP B 96 4.11 -21.67 -4.82
N ASP B 97 4.02 -21.52 -3.50
CA ASP B 97 3.99 -22.58 -2.47
C ASP B 97 2.74 -22.35 -1.62
N ARG B 98 1.78 -23.27 -1.69
CA ARG B 98 0.48 -23.13 -0.99
C ARG B 98 0.66 -23.05 0.53
N ASP B 99 1.83 -23.40 1.07
CA ASP B 99 2.10 -23.30 2.54
C ASP B 99 2.80 -21.99 2.91
N MET B 100 2.84 -21.02 2.00
CA MET B 100 3.50 -19.72 2.31
C MET B 100 2.72 -18.56 1.71
N SER C 1 -12.67 13.93 -1.74
CA SER C 1 -12.25 14.62 -2.99
C SER C 1 -10.85 15.19 -2.82
N PRO C 2 -10.07 15.23 -3.93
CA PRO C 2 -8.72 15.79 -3.88
C PRO C 2 -8.76 17.29 -3.56
N ARG C 3 -7.74 17.76 -2.88
CA ARG C 3 -7.73 19.16 -2.44
C ARG C 3 -7.45 20.04 -3.67
N TRP C 4 -7.95 21.26 -3.63
CA TRP C 4 -7.84 22.21 -4.78
C TRP C 4 -6.88 23.35 -4.41
N TYR C 5 -6.17 23.20 -3.30
CA TYR C 5 -5.00 24.05 -3.00
C TYR C 5 -3.73 23.37 -3.50
N PHE C 6 -2.88 24.14 -4.18
CA PHE C 6 -1.65 23.66 -4.85
C PHE C 6 -0.45 24.39 -4.30
N TYR C 7 0.62 23.63 -4.07
CA TYR C 7 1.87 24.15 -3.47
C TYR C 7 3.07 23.61 -4.26
N TYR C 8 4.00 24.49 -4.57
CA TYR C 8 5.23 24.19 -5.34
C TYR C 8 6.32 23.97 -4.30
N THR C 9 7.07 22.88 -4.40
CA THR C 9 8.36 22.71 -3.68
C THR C 9 9.33 23.83 -4.05
#